data_9ERW
#
_entry.id   9ERW
#
_cell.length_a   39.860
_cell.length_b   54.170
_cell.length_c   80.400
_cell.angle_alpha   90.000
_cell.angle_beta   96.355
_cell.angle_gamma   90.000
#
_symmetry.space_group_name_H-M   'P 1 21 1'
#
loop_
_entity.id
_entity.type
_entity.pdbx_description
1 polymer 'Chains: E'
2 polymer "2',3'-cyclic-nucleotide 3'-phosphodiesterase"
3 water water
#
loop_
_entity_poly.entity_id
_entity_poly.type
_entity_poly.pdbx_seq_one_letter_code
_entity_poly.pdbx_strand_id
1 'polypeptide(L)'
;EVQLEESGGGLVQAGGSLTLSCAASGFTFDDYAMGWYRQAPGKERVGVSCISRTDGYTYYLDSVKGRFTISTDHAKHTVY
LQMNNLKPDDTGLYYCAADADPEYGSRCPDPYYGMDYWGKGILVTVSS
;
E
2 'polypeptide(L)'
;GLEKDFLPLYFGWFLTKKSSETLRKAGQVFLEELGNHKAFKKELRHFISGDEPKEKLELVSYFGKRPPGVLHCTTKFCDY
GKAAGAEEYAQQEVVKRSYGKAFKLSISALFVTPKTAGAQVVLTDQELQLWPSDLDKPSASEGLPPGSRAHVTLGCAADV
QPVQTGLDLLDILQQVKGGSQGEAVGELPRGKLYSLGKGRWMLSLTKKMEVKAIFTGYYG
;
B
#
# COMPACT_ATOMS: atom_id res chain seq x y z
N GLU A 1 -2.39 -8.40 -20.11
CA GLU A 1 -3.34 -8.90 -21.16
C GLU A 1 -4.66 -8.14 -21.14
N VAL A 2 -4.88 -7.32 -20.11
CA VAL A 2 -6.03 -6.44 -20.12
C VAL A 2 -5.81 -5.34 -21.14
N GLN A 3 -6.88 -4.91 -21.80
CA GLN A 3 -6.81 -3.82 -22.76
C GLN A 3 -7.96 -2.86 -22.52
N LEU A 4 -7.67 -1.58 -22.66
CA LEU A 4 -8.61 -0.51 -22.36
C LEU A 4 -8.82 0.31 -23.62
N GLU A 5 -10.08 0.42 -24.05
CA GLU A 5 -10.45 1.11 -25.28
C GLU A 5 -11.29 2.33 -24.93
N GLU A 6 -10.80 3.53 -25.30
CA GLU A 6 -11.42 4.80 -24.96
C GLU A 6 -12.16 5.40 -26.15
N SER A 7 -13.24 6.14 -25.88
CA SER A 7 -13.91 6.94 -26.91
C SER A 7 -14.64 8.11 -26.26
N GLY A 8 -15.07 9.06 -27.09
CA GLY A 8 -16.01 10.07 -26.66
C GLY A 8 -15.45 11.48 -26.52
N GLY A 9 -14.16 11.67 -26.81
CA GLY A 9 -13.53 12.97 -26.69
C GLY A 9 -13.70 13.74 -27.97
N GLY A 10 -12.96 14.87 -28.07
CA GLY A 10 -13.04 15.75 -29.23
C GLY A 10 -13.04 17.22 -28.86
N LEU A 11 -13.69 18.04 -29.67
CA LEU A 11 -13.80 19.48 -29.49
C LEU A 11 -15.17 19.83 -28.93
N VAL A 12 -15.22 20.72 -27.96
CA VAL A 12 -16.50 21.14 -27.39
C VAL A 12 -16.36 22.58 -26.94
N GLN A 13 -17.45 23.33 -27.02
CA GLN A 13 -17.41 24.72 -26.58
C GLN A 13 -17.53 24.77 -25.06
N ALA A 14 -16.87 25.77 -24.47
CA ALA A 14 -17.02 26.00 -23.05
C ALA A 14 -18.49 26.01 -22.66
N GLY A 15 -18.77 25.38 -21.52
CA GLY A 15 -20.11 25.22 -21.02
C GLY A 15 -20.82 24.00 -21.55
N GLY A 16 -20.23 23.32 -22.53
CA GLY A 16 -20.84 22.13 -23.10
C GLY A 16 -20.61 20.90 -22.24
N SER A 17 -20.99 19.74 -22.80
CA SER A 17 -20.88 18.46 -22.15
C SER A 17 -20.31 17.43 -23.10
N LEU A 18 -19.64 16.43 -22.52
CA LEU A 18 -19.13 15.24 -23.20
C LEU A 18 -19.37 14.04 -22.30
N THR A 19 -19.41 12.85 -22.89
CA THR A 19 -19.33 11.62 -22.10
C THR A 19 -18.22 10.78 -22.68
N LEU A 20 -17.23 10.46 -21.85
CA LEU A 20 -16.13 9.59 -22.25
C LEU A 20 -16.52 8.17 -21.86
N SER A 21 -16.09 7.21 -22.66
CA SER A 21 -16.33 5.82 -22.33
C SER A 21 -15.04 5.03 -22.46
N CYS A 22 -14.88 4.03 -21.62
CA CYS A 22 -13.74 3.15 -21.71
C CYS A 22 -14.21 1.74 -21.46
N ALA A 23 -13.91 0.84 -22.38
CA ALA A 23 -14.26 -0.58 -22.26
C ALA A 23 -13.00 -1.38 -21.95
N ALA A 24 -13.05 -2.18 -20.88
CA ALA A 24 -11.97 -3.05 -20.48
C ALA A 24 -12.20 -4.46 -21.02
N SER A 25 -11.19 -5.00 -21.70
CA SER A 25 -11.20 -6.38 -22.19
C SER A 25 -10.13 -7.17 -21.42
N GLY A 26 -10.46 -8.39 -21.04
CA GLY A 26 -9.46 -9.28 -20.53
C GLY A 26 -9.47 -9.47 -19.03
N PHE A 27 -10.28 -8.71 -18.29
CA PHE A 27 -10.43 -9.02 -16.87
C PHE A 27 -11.21 -10.32 -16.70
N THR A 28 -10.77 -11.15 -15.76
CA THR A 28 -11.37 -12.43 -15.48
C THR A 28 -12.32 -12.42 -14.28
N PHE A 29 -12.56 -11.25 -13.68
CA PHE A 29 -13.36 -11.12 -12.46
C PHE A 29 -14.02 -9.76 -12.48
N ASP A 30 -15.08 -9.59 -11.69
CA ASP A 30 -15.79 -8.31 -11.68
C ASP A 30 -15.18 -7.27 -10.76
N ASP A 31 -14.54 -7.70 -9.66
CA ASP A 31 -14.17 -6.79 -8.58
C ASP A 31 -12.83 -6.11 -8.90
N TYR A 32 -12.88 -5.08 -9.73
CA TYR A 32 -11.70 -4.27 -10.02
C TYR A 32 -12.12 -2.81 -10.07
N ALA A 33 -11.14 -1.92 -10.25
CA ALA A 33 -11.39 -0.47 -10.31
C ALA A 33 -11.07 0.07 -11.69
N MET A 34 -11.77 1.14 -12.08
CA MET A 34 -11.51 1.85 -13.31
C MET A 34 -11.56 3.35 -13.01
N GLY A 35 -10.84 4.13 -13.79
CA GLY A 35 -10.96 5.56 -13.59
C GLY A 35 -10.36 6.31 -14.75
N TRP A 36 -10.27 7.64 -14.55
CA TRP A 36 -9.85 8.57 -15.58
C TRP A 36 -8.83 9.51 -14.98
N TYR A 37 -7.75 9.73 -15.72
CA TYR A 37 -6.66 10.64 -15.39
C TYR A 37 -6.60 11.64 -16.53
N ARG A 38 -6.08 12.84 -16.25
CA ARG A 38 -6.02 13.88 -17.27
C ARG A 38 -4.63 14.46 -17.24
N GLN A 39 -4.07 14.73 -18.43
CA GLN A 39 -2.83 15.47 -18.58
C GLN A 39 -3.12 16.77 -19.28
N ALA A 40 -3.04 17.86 -18.55
CA ALA A 40 -3.24 19.18 -19.11
C ALA A 40 -1.94 19.70 -19.65
N PRO A 41 -1.98 20.65 -20.59
CA PRO A 41 -0.73 21.17 -21.16
C PRO A 41 0.27 21.56 -20.09
N GLY A 42 1.49 21.06 -20.24
CA GLY A 42 2.56 21.38 -19.33
C GLY A 42 2.52 20.70 -17.98
N LYS A 43 1.50 19.90 -17.71
CA LYS A 43 1.32 19.32 -16.38
C LYS A 43 1.44 17.80 -16.41
N GLU A 44 1.66 17.25 -15.23
CA GLU A 44 1.72 15.80 -15.08
C GLU A 44 0.30 15.25 -15.00
N ARG A 45 0.14 14.02 -15.47
CA ARG A 45 -1.14 13.32 -15.37
C ARG A 45 -1.66 13.32 -13.94
N VAL A 46 -2.97 13.56 -13.76
CA VAL A 46 -3.60 13.57 -12.44
C VAL A 46 -4.91 12.82 -12.46
N GLY A 47 -5.20 12.11 -11.38
CA GLY A 47 -6.50 11.46 -11.29
C GLY A 47 -7.67 12.40 -11.28
N VAL A 48 -8.67 12.10 -12.09
CA VAL A 48 -9.88 12.90 -12.17
C VAL A 48 -11.02 12.23 -11.44
N SER A 49 -11.27 10.97 -11.76
CA SER A 49 -12.36 10.24 -11.11
C SER A 49 -12.04 8.76 -11.20
N CYS A 50 -12.36 8.01 -10.14
CA CYS A 50 -12.19 6.56 -10.14
C CYS A 50 -13.37 5.92 -9.45
N ILE A 51 -13.56 4.63 -9.73
CA ILE A 51 -14.72 3.91 -9.18
C ILE A 51 -14.34 2.45 -8.98
N SER A 52 -14.95 1.85 -7.96
CA SER A 52 -14.83 0.42 -7.70
C SER A 52 -16.08 -0.23 -8.29
N ARG A 53 -15.90 -1.19 -9.18
CA ARG A 53 -17.05 -1.79 -9.84
C ARG A 53 -18.02 -2.38 -8.83
N THR A 54 -17.49 -3.13 -7.86
CA THR A 54 -18.40 -3.83 -6.95
C THR A 54 -19.07 -2.89 -5.96
N ASP A 55 -18.26 -2.15 -5.20
CA ASP A 55 -18.81 -1.28 -4.16
C ASP A 55 -19.51 -0.05 -4.73
N GLY A 56 -19.04 0.43 -5.87
CA GLY A 56 -19.56 1.68 -6.38
C GLY A 56 -18.97 2.94 -5.76
N TYR A 57 -17.99 2.79 -4.89
CA TYR A 57 -17.38 3.95 -4.25
C TYR A 57 -16.64 4.74 -5.31
N THR A 58 -16.75 6.06 -5.21
CA THR A 58 -16.21 6.98 -6.20
C THR A 58 -15.30 8.02 -5.55
N TYR A 59 -14.29 8.43 -6.31
CA TYR A 59 -13.38 9.52 -5.96
C TYR A 59 -13.52 10.57 -7.06
N TYR A 60 -13.52 11.85 -6.67
CA TYR A 60 -13.49 12.96 -7.64
C TYR A 60 -12.44 13.99 -7.24
N LEU A 61 -11.65 14.39 -8.21
CA LEU A 61 -10.80 15.57 -8.04
C LEU A 61 -11.62 16.78 -7.70
N ASP A 62 -11.14 17.57 -6.74
CA ASP A 62 -12.02 18.61 -6.23
C ASP A 62 -12.46 19.56 -7.34
N SER A 63 -11.59 19.81 -8.33
CA SER A 63 -11.91 20.80 -9.35
C SER A 63 -13.02 20.34 -10.30
N VAL A 64 -13.38 19.06 -10.29
CA VAL A 64 -14.46 18.57 -11.14
C VAL A 64 -15.69 18.14 -10.35
N LYS A 65 -15.67 18.27 -9.03
CA LYS A 65 -16.76 17.73 -8.22
C LYS A 65 -18.03 18.49 -8.55
N GLY A 66 -19.14 17.75 -8.66
CA GLY A 66 -20.42 18.32 -9.07
C GLY A 66 -20.63 18.37 -10.58
N ARG A 67 -19.55 18.52 -11.35
CA ARG A 67 -19.65 18.65 -12.79
C ARG A 67 -19.43 17.33 -13.52
N PHE A 68 -18.56 16.47 -12.98
CA PHE A 68 -18.27 15.19 -13.59
C PHE A 68 -18.93 14.10 -12.75
N THR A 69 -19.41 13.06 -13.43
CA THR A 69 -19.97 11.89 -12.75
C THR A 69 -19.42 10.65 -13.41
N ILE A 70 -18.91 9.71 -12.61
CA ILE A 70 -18.35 8.46 -13.12
C ILE A 70 -19.37 7.38 -12.83
N SER A 71 -19.52 6.44 -13.76
CA SER A 71 -20.43 5.33 -13.56
C SER A 71 -19.93 4.14 -14.35
N THR A 72 -20.48 2.96 -14.07
CA THR A 72 -20.08 1.74 -14.77
C THR A 72 -21.29 1.01 -15.30
N ASP A 73 -21.07 0.26 -16.38
CA ASP A 73 -21.97 -0.79 -16.86
C ASP A 73 -21.31 -2.13 -16.51
N HIS A 74 -21.93 -2.87 -15.59
CA HIS A 74 -21.28 -4.05 -15.06
C HIS A 74 -21.10 -5.11 -16.16
N ALA A 75 -22.19 -5.46 -16.83
CA ALA A 75 -22.16 -6.50 -17.85
C ALA A 75 -21.14 -6.19 -18.94
N LYS A 76 -21.04 -4.92 -19.33
CA LYS A 76 -20.24 -4.51 -20.46
C LYS A 76 -18.81 -4.18 -20.09
N HIS A 77 -18.46 -4.17 -18.80
CA HIS A 77 -17.09 -3.86 -18.37
C HIS A 77 -16.65 -2.52 -18.92
N THR A 78 -17.57 -1.56 -18.88
CA THR A 78 -17.32 -0.21 -19.37
C THR A 78 -17.49 0.80 -18.25
N VAL A 79 -16.65 1.82 -18.26
CA VAL A 79 -16.79 2.95 -17.35
C VAL A 79 -17.10 4.19 -18.19
N TYR A 80 -17.86 5.12 -17.60
CA TYR A 80 -18.30 6.31 -18.28
C TYR A 80 -17.93 7.50 -17.42
N LEU A 81 -17.56 8.59 -18.08
CA LEU A 81 -17.29 9.85 -17.38
C LEU A 81 -18.14 10.91 -18.08
N GLN A 82 -19.21 11.32 -17.39
CA GLN A 82 -20.09 12.37 -17.85
C GLN A 82 -19.52 13.69 -17.38
N MET A 83 -19.12 14.54 -18.32
CA MET A 83 -18.46 15.80 -18.03
C MET A 83 -19.41 16.92 -18.43
N ASN A 84 -19.98 17.60 -17.45
CA ASN A 84 -20.88 18.73 -17.69
C ASN A 84 -20.20 20.06 -17.36
N ASN A 85 -20.75 21.12 -17.92
N ASN A 85 -20.79 21.13 -17.87
CA ASN A 85 -20.28 22.48 -17.64
CA ASN A 85 -20.30 22.50 -17.69
C ASN A 85 -18.77 22.59 -17.86
C ASN A 85 -18.77 22.55 -17.84
N LEU A 86 -18.32 22.07 -18.99
CA LEU A 86 -16.89 22.07 -19.31
C LEU A 86 -16.27 23.45 -19.39
N LYS A 87 -15.05 23.57 -18.87
CA LYS A 87 -14.29 24.81 -18.84
C LYS A 87 -13.00 24.65 -19.66
N PRO A 88 -12.40 25.73 -20.14
CA PRO A 88 -11.15 25.54 -20.87
C PRO A 88 -10.10 24.82 -20.06
N ASP A 89 -10.09 25.02 -18.73
CA ASP A 89 -9.16 24.35 -17.82
C ASP A 89 -9.31 22.82 -17.85
N ASP A 90 -10.39 22.31 -18.41
CA ASP A 90 -10.60 20.86 -18.51
C ASP A 90 -9.92 20.28 -19.74
N THR A 91 -9.31 21.11 -20.59
CA THR A 91 -8.62 20.62 -21.78
C THR A 91 -7.46 19.75 -21.38
N GLY A 92 -7.29 18.63 -22.09
CA GLY A 92 -6.14 17.78 -21.85
C GLY A 92 -6.35 16.42 -22.47
N LEU A 93 -5.35 15.58 -22.29
CA LEU A 93 -5.39 14.18 -22.73
C LEU A 93 -5.97 13.39 -21.57
N TYR A 94 -7.09 12.70 -21.80
CA TYR A 94 -7.75 11.93 -20.77
C TYR A 94 -7.43 10.47 -20.97
N TYR A 95 -7.00 9.81 -19.91
CA TYR A 95 -6.51 8.45 -19.96
C TYR A 95 -7.42 7.58 -19.10
N CYS A 96 -7.94 6.52 -19.68
CA CYS A 96 -8.61 5.50 -18.90
C CYS A 96 -7.54 4.72 -18.14
N ALA A 97 -7.89 4.26 -16.95
CA ALA A 97 -6.99 3.43 -16.15
C ALA A 97 -7.82 2.34 -15.50
N ALA A 98 -7.18 1.21 -15.22
CA ALA A 98 -7.83 0.15 -14.46
C ALA A 98 -6.80 -0.44 -13.52
N ASP A 99 -7.30 -1.04 -12.46
CA ASP A 99 -6.40 -1.70 -11.52
C ASP A 99 -7.11 -2.93 -10.97
N ALA A 100 -6.35 -3.99 -10.76
CA ALA A 100 -6.92 -5.25 -10.30
C ALA A 100 -7.36 -5.20 -8.84
N ASP A 101 -6.83 -4.27 -8.07
CA ASP A 101 -7.19 -4.12 -6.68
C ASP A 101 -8.24 -3.04 -6.56
N PRO A 102 -9.50 -3.38 -6.25
CA PRO A 102 -10.56 -2.37 -6.33
C PRO A 102 -10.44 -1.33 -5.24
N GLU A 103 -9.92 -1.71 -4.08
CA GLU A 103 -9.80 -0.76 -2.99
C GLU A 103 -8.68 0.24 -3.25
N TYR A 104 -7.59 -0.21 -3.84
CA TYR A 104 -6.50 0.70 -4.18
C TYR A 104 -6.87 1.61 -5.35
N GLY A 105 -7.34 1.03 -6.46
CA GLY A 105 -7.54 1.78 -7.68
C GLY A 105 -8.70 2.75 -7.61
N SER A 106 -9.68 2.50 -6.72
CA SER A 106 -10.85 3.38 -6.68
C SER A 106 -10.52 4.71 -6.01
N ARG A 107 -9.33 4.86 -5.46
CA ARG A 107 -8.91 6.10 -4.84
C ARG A 107 -8.11 7.00 -5.77
N CYS A 108 -8.02 6.67 -7.06
CA CYS A 108 -7.25 7.44 -8.03
C CYS A 108 -5.82 7.71 -7.49
N PRO A 109 -5.05 6.67 -7.21
CA PRO A 109 -3.69 6.89 -6.73
C PRO A 109 -2.87 7.78 -7.63
N ASP A 110 -2.02 8.56 -7.02
CA ASP A 110 -1.07 9.36 -7.78
C ASP A 110 -0.26 8.47 -8.74
N PRO A 111 0.07 8.96 -9.92
CA PRO A 111 0.92 8.18 -10.84
C PRO A 111 2.29 7.79 -10.26
N TYR A 112 2.78 8.52 -9.23
CA TYR A 112 3.95 8.08 -8.47
C TYR A 112 3.84 6.61 -8.07
N TYR A 113 2.64 6.19 -7.70
CA TYR A 113 2.29 4.84 -7.27
C TYR A 113 1.72 4.00 -8.41
N GLY A 114 0.77 4.53 -9.17
CA GLY A 114 0.42 4.03 -10.48
C GLY A 114 -0.84 3.18 -10.47
N MET A 115 -1.23 2.78 -11.66
CA MET A 115 -2.38 1.91 -11.89
C MET A 115 -1.86 0.76 -12.73
N ASP A 116 -2.56 -0.38 -12.65
CA ASP A 116 -2.05 -1.57 -13.32
C ASP A 116 -2.10 -1.43 -14.82
N TYR A 117 -3.15 -0.79 -15.33
CA TYR A 117 -3.45 -0.77 -16.76
C TYR A 117 -3.86 0.62 -17.18
N TRP A 118 -3.45 1.01 -18.39
CA TRP A 118 -3.70 2.34 -18.96
C TRP A 118 -4.16 2.29 -20.40
N GLY A 119 -5.07 3.19 -20.74
CA GLY A 119 -5.42 3.39 -22.12
C GLY A 119 -4.37 4.29 -22.76
N LYS A 120 -4.61 4.64 -24.02
CA LYS A 120 -3.67 5.41 -24.81
C LYS A 120 -3.89 6.90 -24.70
N GLY A 121 -5.06 7.32 -24.22
CA GLY A 121 -5.38 8.72 -24.06
C GLY A 121 -6.21 9.26 -25.21
N ILE A 122 -7.23 10.04 -24.88
CA ILE A 122 -8.05 10.73 -25.87
C ILE A 122 -8.08 12.21 -25.54
N LEU A 123 -7.96 13.04 -26.56
CA LEU A 123 -7.91 14.49 -26.36
C LEU A 123 -9.31 15.07 -26.17
N VAL A 124 -9.44 15.97 -25.20
CA VAL A 124 -10.63 16.80 -25.00
C VAL A 124 -10.18 18.24 -25.13
N THR A 125 -10.74 18.97 -26.08
CA THR A 125 -10.37 20.38 -26.25
C THR A 125 -11.61 21.26 -26.05
N VAL A 126 -11.56 22.08 -25.00
CA VAL A 126 -12.67 22.95 -24.63
C VAL A 126 -12.28 24.35 -25.02
N SER A 127 -13.02 24.95 -25.92
CA SER A 127 -12.60 26.23 -26.49
C SER A 127 -13.25 27.42 -25.77
N GLU B 3 -10.59 17.80 18.33
CA GLU B 3 -10.89 16.43 17.93
C GLU B 3 -9.95 15.42 18.60
N LYS B 4 -9.32 15.83 19.73
CA LYS B 4 -8.36 14.97 20.42
C LYS B 4 -9.00 13.66 20.85
N ASP B 5 -10.20 13.74 21.46
CA ASP B 5 -10.90 12.55 21.92
C ASP B 5 -11.39 11.65 20.78
N PHE B 6 -11.41 12.13 19.52
CA PHE B 6 -11.81 11.29 18.38
C PHE B 6 -10.64 10.76 17.57
N LEU B 7 -9.45 10.70 18.15
CA LEU B 7 -8.30 10.06 17.50
C LEU B 7 -8.41 8.55 17.55
N PRO B 8 -7.78 7.86 16.60
CA PRO B 8 -7.87 6.39 16.55
C PRO B 8 -7.02 5.72 17.62
N LEU B 9 -7.07 4.39 17.65
CA LEU B 9 -6.07 3.65 18.43
C LEU B 9 -4.69 3.81 17.81
N TYR B 10 -4.57 3.63 16.50
CA TYR B 10 -3.34 4.01 15.80
C TYR B 10 -3.62 4.37 14.35
N PHE B 11 -2.71 5.17 13.78
CA PHE B 11 -2.71 5.43 12.35
C PHE B 11 -1.79 4.43 11.65
N GLY B 12 -1.98 4.29 10.35
CA GLY B 12 -1.04 3.52 9.59
C GLY B 12 -1.53 3.27 8.20
N TRP B 13 -0.75 2.48 7.48
CA TRP B 13 -1.11 2.03 6.15
C TRP B 13 -1.69 0.63 6.31
N PHE B 14 -2.97 0.49 5.99
CA PHE B 14 -3.68 -0.77 6.11
C PHE B 14 -3.80 -1.37 4.71
N LEU B 15 -3.20 -2.55 4.53
CA LEU B 15 -3.22 -3.17 3.22
C LEU B 15 -4.63 -3.49 2.81
N THR B 16 -4.87 -3.46 1.51
CA THR B 16 -6.20 -3.78 1.02
C THR B 16 -6.48 -5.25 1.26
N LYS B 17 -7.71 -5.63 1.01
CA LYS B 17 -8.04 -7.04 1.17
C LYS B 17 -7.16 -7.93 0.28
N LYS B 18 -6.98 -7.54 -0.99
CA LYS B 18 -6.20 -8.35 -1.91
C LYS B 18 -4.73 -8.33 -1.59
N SER B 19 -4.21 -7.16 -1.23
CA SER B 19 -2.78 -7.11 -0.94
C SER B 19 -2.46 -7.70 0.43
N SER B 20 -3.36 -7.58 1.40
CA SER B 20 -3.14 -8.26 2.68
C SER B 20 -3.06 -9.77 2.47
N GLU B 21 -3.88 -10.31 1.57
CA GLU B 21 -3.86 -11.76 1.36
C GLU B 21 -2.60 -12.20 0.63
N THR B 22 -2.16 -11.40 -0.34
CA THR B 22 -0.93 -11.70 -1.07
C THR B 22 0.28 -11.70 -0.14
N LEU B 23 0.33 -10.73 0.78
CA LEU B 23 1.42 -10.70 1.76
C LEU B 23 1.27 -11.81 2.81
N ARG B 24 0.06 -12.08 3.27
CA ARG B 24 -0.11 -13.15 4.24
C ARG B 24 0.40 -14.46 3.67
N LYS B 25 0.07 -14.75 2.41
CA LYS B 25 0.51 -15.98 1.77
C LYS B 25 2.02 -16.01 1.61
N ALA B 26 2.62 -14.89 1.17
CA ALA B 26 4.07 -14.84 1.06
C ALA B 26 4.75 -15.08 2.40
N GLY B 27 4.16 -14.56 3.48
CA GLY B 27 4.73 -14.77 4.79
C GLY B 27 4.63 -16.21 5.25
N GLN B 28 3.51 -16.87 4.93
CA GLN B 28 3.36 -18.27 5.28
C GLN B 28 4.34 -19.14 4.50
N VAL B 29 4.59 -18.79 3.25
CA VAL B 29 5.56 -19.53 2.45
C VAL B 29 6.94 -19.43 3.08
N PHE B 30 7.28 -18.25 3.60
CA PHE B 30 8.58 -18.06 4.22
C PHE B 30 8.69 -18.86 5.51
N LEU B 31 7.64 -18.85 6.33
CA LEU B 31 7.70 -19.58 7.61
C LEU B 31 7.91 -21.07 7.41
N GLU B 32 7.40 -21.61 6.30
CA GLU B 32 7.56 -23.04 6.05
C GLU B 32 8.88 -23.35 5.35
N GLU B 33 9.30 -22.52 4.39
CA GLU B 33 10.65 -22.64 3.83
C GLU B 33 11.68 -22.62 4.96
N LEU B 34 11.55 -21.65 5.88
CA LEU B 34 12.56 -21.47 6.91
C LEU B 34 12.60 -22.66 7.86
N GLY B 35 11.43 -23.08 8.35
CA GLY B 35 11.39 -24.21 9.26
C GLY B 35 12.01 -25.47 8.70
N ASN B 36 12.07 -25.60 7.38
CA ASN B 36 12.58 -26.81 6.75
C ASN B 36 13.97 -26.63 6.16
N HIS B 37 14.59 -25.46 6.34
CA HIS B 37 15.99 -25.28 5.97
C HIS B 37 16.85 -25.85 7.09
N LYS B 38 17.86 -26.63 6.72
CA LYS B 38 18.67 -27.25 7.77
C LYS B 38 19.50 -26.19 8.49
N ALA B 39 19.89 -25.13 7.79
CA ALA B 39 20.53 -24.00 8.45
C ALA B 39 19.70 -23.58 9.65
N PHE B 40 18.38 -23.41 9.44
CA PHE B 40 17.50 -23.09 10.55
C PHE B 40 17.42 -24.23 11.56
N LYS B 41 17.21 -25.46 11.08
CA LYS B 41 17.08 -26.60 11.99
C LYS B 41 18.29 -26.73 12.91
N LYS B 42 19.50 -26.50 12.38
CA LYS B 42 20.71 -26.59 13.20
C LYS B 42 20.60 -25.76 14.47
N GLU B 43 20.01 -24.57 14.37
CA GLU B 43 20.11 -23.56 15.41
C GLU B 43 18.83 -23.44 16.25
N LEU B 44 18.04 -24.52 16.33
CA LEU B 44 16.85 -24.48 17.15
C LEU B 44 17.19 -24.35 18.63
N ARG B 45 18.38 -24.83 19.02
CA ARG B 45 18.86 -24.62 20.38
C ARG B 45 18.87 -23.13 20.72
N HIS B 46 19.18 -22.29 19.72
CA HIS B 46 19.19 -20.85 19.88
C HIS B 46 17.80 -20.25 19.67
N PHE B 47 16.89 -21.01 19.07
CA PHE B 47 15.56 -20.50 18.79
C PHE B 47 14.55 -20.88 19.87
N LYS B 56 9.21 -31.76 15.09
CA LYS B 56 9.55 -30.56 14.34
C LYS B 56 8.74 -29.35 14.75
N LEU B 57 9.43 -28.22 14.76
CA LEU B 57 8.79 -26.94 14.99
C LEU B 57 8.12 -26.52 13.70
N GLU B 58 6.82 -26.27 13.76
CA GLU B 58 6.08 -25.74 12.63
C GLU B 58 5.89 -24.25 12.89
N LEU B 59 6.62 -23.43 12.14
CA LEU B 59 6.62 -22.00 12.43
C LEU B 59 5.24 -21.38 12.20
N VAL B 60 4.44 -21.97 11.31
CA VAL B 60 3.09 -21.45 11.05
C VAL B 60 2.21 -21.56 12.29
N SER B 61 2.32 -22.68 13.01
CA SER B 61 1.61 -22.84 14.27
C SER B 61 2.27 -22.04 15.40
N TYR B 62 3.60 -22.07 15.46
CA TYR B 62 4.32 -21.24 16.43
C TYR B 62 3.82 -19.80 16.42
N PHE B 63 3.63 -19.23 15.24
CA PHE B 63 3.15 -17.86 15.12
C PHE B 63 1.64 -17.80 14.91
N GLY B 64 0.90 -18.76 15.47
CA GLY B 64 -0.53 -18.88 15.29
C GLY B 64 -1.35 -17.95 16.15
N LYS B 65 -0.69 -16.88 16.60
CA LYS B 65 -1.36 -15.64 17.05
C LYS B 65 -1.47 -14.78 15.80
N ARG B 66 -2.77 -14.73 15.16
CA ARG B 66 -2.89 -14.07 13.86
C ARG B 66 -3.23 -12.59 14.00
N PRO B 67 -2.79 -11.75 13.07
CA PRO B 67 -3.33 -10.38 12.97
C PRO B 67 -4.84 -10.43 12.80
N PRO B 68 -5.63 -10.13 13.88
CA PRO B 68 -7.09 -10.27 13.77
C PRO B 68 -7.73 -9.18 12.90
N GLY B 69 -7.28 -9.11 11.66
CA GLY B 69 -7.65 -8.03 10.77
C GLY B 69 -6.68 -8.01 9.61
N VAL B 70 -6.77 -6.94 8.83
CA VAL B 70 -5.85 -6.81 7.72
C VAL B 70 -4.45 -6.53 8.25
N LEU B 71 -3.48 -6.95 7.48
CA LEU B 71 -2.11 -6.56 7.73
C LEU B 71 -1.95 -5.06 7.54
N HIS B 72 -0.98 -4.51 8.26
CA HIS B 72 -0.83 -3.06 8.28
C HIS B 72 0.58 -2.69 8.74
N CYS B 73 0.98 -1.46 8.43
CA CYS B 73 2.23 -0.85 8.85
C CYS B 73 1.83 0.35 9.67
N THR B 74 1.95 0.22 10.98
CA THR B 74 1.56 1.29 11.90
C THR B 74 2.49 2.47 11.74
N THR B 75 1.92 3.68 11.76
CA THR B 75 2.79 4.86 11.84
C THR B 75 2.82 5.41 13.26
N LYS B 76 1.68 5.85 13.78
CA LYS B 76 1.65 6.47 15.10
C LYS B 76 0.62 5.79 15.98
N PHE B 77 1.08 5.23 17.10
CA PHE B 77 0.20 4.75 18.16
C PHE B 77 -0.36 5.94 18.93
N CYS B 78 -1.67 6.15 18.87
CA CYS B 78 -2.33 7.29 19.50
C CYS B 78 -3.10 6.95 20.77
N ASP B 79 -3.69 5.77 20.86
CA ASP B 79 -4.44 5.39 22.05
C ASP B 79 -5.56 6.40 22.31
N TYR B 80 -6.32 6.70 21.25
CA TYR B 80 -7.46 7.61 21.31
C TYR B 80 -7.06 8.99 21.80
N GLY B 81 -5.80 9.35 21.64
CA GLY B 81 -5.29 10.65 22.05
C GLY B 81 -4.56 10.66 23.36
N LYS B 82 -4.50 9.53 24.08
CA LYS B 82 -3.79 9.49 25.36
C LYS B 82 -2.29 9.26 25.20
N ALA B 83 -1.87 8.63 24.10
CA ALA B 83 -0.45 8.41 23.86
C ALA B 83 0.29 9.74 23.73
N ALA B 84 1.57 9.72 24.08
CA ALA B 84 2.36 10.93 24.01
C ALA B 84 2.61 11.31 22.56
N GLY B 85 2.35 12.57 22.23
CA GLY B 85 2.53 13.05 20.87
C GLY B 85 1.40 12.73 19.91
N ALA B 86 0.35 12.06 20.36
CA ALA B 86 -0.76 11.69 19.47
C ALA B 86 -1.35 12.91 18.79
N GLU B 87 -1.58 13.97 19.55
CA GLU B 87 -2.26 15.13 19.01
C GLU B 87 -1.39 15.85 18.00
N GLU B 88 -0.07 15.94 18.24
CA GLU B 88 0.83 16.66 17.34
C GLU B 88 0.99 15.92 16.02
N TYR B 89 1.03 14.60 16.07
CA TYR B 89 1.02 13.83 14.82
C TYR B 89 -0.23 14.11 14.01
N ALA B 90 -1.40 14.00 14.63
CA ALA B 90 -2.63 13.95 13.87
C ALA B 90 -3.04 15.30 13.32
N GLN B 91 -2.54 16.36 13.91
CA GLN B 91 -2.87 17.71 13.48
C GLN B 91 -2.08 18.14 12.26
N GLN B 92 -1.02 17.42 11.90
CA GLN B 92 -0.23 17.74 10.72
C GLN B 92 -1.09 17.73 9.48
N GLU B 93 -0.83 18.71 8.61
CA GLU B 93 -1.58 18.80 7.36
C GLU B 93 -1.38 17.57 6.49
N VAL B 94 -0.15 17.05 6.45
CA VAL B 94 0.07 15.89 5.59
C VAL B 94 -0.71 14.67 6.09
N VAL B 95 -0.90 14.54 7.39
CA VAL B 95 -1.69 13.42 7.90
C VAL B 95 -3.15 13.58 7.51
N LYS B 96 -3.70 14.78 7.70
CA LYS B 96 -5.10 15.01 7.33
C LYS B 96 -5.32 14.78 5.85
N ARG B 97 -4.43 15.32 5.03
CA ARG B 97 -4.63 15.22 3.59
C ARG B 97 -4.34 13.83 3.06
N SER B 98 -3.62 12.99 3.79
CA SER B 98 -3.33 11.65 3.30
C SER B 98 -4.36 10.64 3.76
N TYR B 99 -5.20 11.01 4.69
CA TYR B 99 -6.16 10.07 5.25
C TYR B 99 -7.13 9.60 4.19
N GLY B 100 -7.17 8.28 3.97
CA GLY B 100 -7.99 7.69 2.94
C GLY B 100 -7.33 7.53 1.59
N LYS B 101 -6.08 7.97 1.43
CA LYS B 101 -5.39 7.91 0.15
C LYS B 101 -4.70 6.57 -0.03
N ALA B 102 -4.50 6.22 -1.31
CA ALA B 102 -3.87 4.96 -1.70
C ALA B 102 -2.37 5.10 -1.87
N PHE B 103 -1.65 4.09 -1.38
CA PHE B 103 -0.20 4.03 -1.43
C PHE B 103 0.22 2.65 -1.92
N LYS B 104 1.38 2.60 -2.53
CA LYS B 104 1.99 1.32 -2.94
C LYS B 104 3.33 1.29 -2.23
N LEU B 105 3.43 0.50 -1.16
CA LEU B 105 4.60 0.43 -0.30
C LEU B 105 5.58 -0.66 -0.71
N SER B 106 6.85 -0.49 -0.32
CA SER B 106 7.91 -1.44 -0.68
C SER B 106 8.39 -2.25 0.52
N ILE B 107 8.41 -3.56 0.34
CA ILE B 107 8.92 -4.49 1.35
C ILE B 107 10.24 -5.03 0.85
N SER B 108 11.27 -4.97 1.69
CA SER B 108 12.61 -5.33 1.26
C SER B 108 13.08 -6.65 1.83
N ALA B 109 12.48 -7.10 2.92
CA ALA B 109 12.97 -8.29 3.60
C ALA B 109 11.85 -8.85 4.46
N LEU B 110 11.93 -10.16 4.72
CA LEU B 110 11.10 -10.82 5.72
C LEU B 110 12.02 -11.28 6.85
N PHE B 111 11.51 -11.30 8.08
CA PHE B 111 12.35 -11.69 9.21
C PHE B 111 11.56 -12.47 10.24
N VAL B 112 12.29 -13.25 11.02
CA VAL B 112 11.77 -14.10 12.07
C VAL B 112 12.69 -14.00 13.29
N THR B 113 12.10 -13.92 14.48
CA THR B 113 12.83 -14.09 15.73
C THR B 113 12.01 -15.02 16.64
N PRO B 114 12.50 -15.39 17.81
CA PRO B 114 11.70 -16.23 18.71
C PRO B 114 10.40 -15.57 19.15
N LYS B 115 10.24 -14.28 18.95
CA LYS B 115 9.05 -13.55 19.41
C LYS B 115 8.11 -13.13 18.29
N THR B 116 8.62 -12.73 17.12
CA THR B 116 7.76 -12.16 16.09
C THR B 116 8.24 -12.61 14.72
N ALA B 117 7.33 -12.50 13.75
CA ALA B 117 7.64 -12.66 12.33
C ALA B 117 7.12 -11.42 11.63
N GLY B 118 7.90 -10.87 10.70
CA GLY B 118 7.47 -9.64 10.07
C GLY B 118 8.06 -9.42 8.70
N ALA B 119 7.63 -8.31 8.11
CA ALA B 119 8.17 -7.78 6.87
C ALA B 119 8.73 -6.38 7.12
N GLN B 120 9.92 -6.11 6.56
CA GLN B 120 10.53 -4.79 6.66
C GLN B 120 9.98 -3.88 5.56
N VAL B 121 9.53 -2.69 5.94
CA VAL B 121 8.96 -1.72 4.99
C VAL B 121 10.00 -0.64 4.81
N VAL B 122 10.31 -0.30 3.57
CA VAL B 122 11.33 0.71 3.25
C VAL B 122 10.54 1.91 2.75
N LEU B 123 10.28 2.86 3.63
CA LEU B 123 9.56 4.07 3.24
C LEU B 123 10.42 5.00 2.39
N THR B 124 9.80 5.61 1.37
CA THR B 124 10.42 6.65 0.56
C THR B 124 10.43 7.96 1.33
N ASP B 125 11.20 8.94 0.83
CA ASP B 125 11.21 10.24 1.47
C ASP B 125 9.81 10.81 1.64
N GLN B 126 8.96 10.64 0.61
CA GLN B 126 7.61 11.19 0.64
C GLN B 126 6.74 10.48 1.68
N GLU B 127 6.89 9.17 1.81
CA GLU B 127 6.15 8.42 2.80
C GLU B 127 6.63 8.74 4.20
N LEU B 128 7.91 9.05 4.36
CA LEU B 128 8.43 9.38 5.69
C LEU B 128 7.74 10.60 6.29
N GLN B 129 7.09 11.44 5.47
CA GLN B 129 6.35 12.56 6.01
C GLN B 129 5.22 12.12 6.93
N LEU B 130 4.76 10.88 6.78
CA LEU B 130 3.74 10.29 7.65
C LEU B 130 4.36 9.47 8.77
N TRP B 131 5.66 9.39 8.82
CA TRP B 131 6.27 8.69 9.95
C TRP B 131 6.36 9.69 11.10
N PRO B 132 6.08 9.27 12.33
CA PRO B 132 6.04 10.24 13.43
C PRO B 132 7.43 10.66 13.84
N SER B 133 7.53 11.89 14.31
CA SER B 133 8.81 12.38 14.80
C SER B 133 9.30 11.45 15.92
N LYS B 137 14.56 8.99 21.49
CA LYS B 137 14.86 7.57 21.26
C LYS B 137 16.00 7.14 22.18
N PRO B 138 16.17 5.83 22.33
CA PRO B 138 17.17 5.33 23.27
C PRO B 138 18.47 4.90 22.59
N SER B 139 18.58 3.62 22.25
CA SER B 139 19.77 3.06 21.61
C SER B 139 19.38 1.78 20.87
N ALA B 140 18.14 1.73 20.39
CA ALA B 140 17.68 0.70 19.48
C ALA B 140 17.26 1.28 18.14
N SER B 141 16.75 2.51 18.12
CA SER B 141 16.53 3.25 16.88
C SER B 141 17.68 4.20 16.56
N GLU B 142 18.65 4.34 17.47
CA GLU B 142 19.70 5.33 17.29
C GLU B 142 20.73 4.85 16.28
N GLY B 143 21.16 5.76 15.41
CA GLY B 143 22.11 5.40 14.38
C GLY B 143 21.49 4.75 13.16
N LEU B 144 20.19 4.55 13.14
CA LEU B 144 19.50 4.03 11.98
C LEU B 144 18.72 5.13 11.29
N PRO B 145 18.53 5.03 9.98
CA PRO B 145 17.80 6.07 9.23
C PRO B 145 16.40 6.28 9.79
N PRO B 146 15.84 7.48 9.58
CA PRO B 146 14.45 7.72 9.97
C PRO B 146 13.50 6.67 9.39
N GLY B 147 12.56 6.22 10.20
CA GLY B 147 11.58 5.26 9.72
C GLY B 147 12.05 3.83 9.61
N SER B 148 13.20 3.47 10.19
CA SER B 148 13.70 2.10 10.07
C SER B 148 12.83 1.08 10.80
N ARG B 149 12.07 1.51 11.80
CA ARG B 149 11.16 0.64 12.53
C ARG B 149 9.97 0.17 11.69
N ALA B 150 9.73 0.77 10.53
CA ALA B 150 8.51 0.47 9.78
C ALA B 150 8.46 -0.98 9.34
N HIS B 151 7.34 -1.63 9.63
CA HIS B 151 7.24 -3.06 9.42
C HIS B 151 5.77 -3.43 9.34
N VAL B 152 5.51 -4.67 8.89
CA VAL B 152 4.21 -5.29 8.97
C VAL B 152 4.39 -6.55 9.81
N THR B 153 3.61 -6.67 10.87
CA THR B 153 3.66 -7.89 11.67
C THR B 153 2.93 -8.99 10.91
N LEU B 154 3.57 -10.17 10.77
CA LEU B 154 2.89 -11.32 10.17
C LEU B 154 2.44 -12.35 11.21
N GLY B 155 3.09 -12.37 12.37
CA GLY B 155 2.66 -13.24 13.46
C GLY B 155 3.42 -12.93 14.73
N CYS B 156 2.86 -13.37 15.85
CA CYS B 156 3.50 -13.23 17.16
C CYS B 156 3.53 -14.58 17.82
N ALA B 157 4.52 -14.77 18.68
CA ALA B 157 4.60 -16.01 19.43
C ALA B 157 3.66 -15.92 20.62
N ALA B 158 3.58 -17.04 21.34
CA ALA B 158 2.69 -17.28 22.47
C ALA B 158 2.02 -16.03 23.01
N ASP B 159 2.71 -15.29 23.87
CA ASP B 159 2.10 -14.17 24.59
C ASP B 159 2.54 -12.79 24.05
N VAL B 160 3.07 -12.73 22.84
CA VAL B 160 3.68 -11.50 22.37
C VAL B 160 2.63 -10.58 21.76
N GLN B 161 2.76 -9.28 22.05
CA GLN B 161 1.92 -8.28 21.42
C GLN B 161 2.64 -7.67 20.22
N PRO B 162 1.91 -7.14 19.24
CA PRO B 162 2.56 -6.71 17.99
C PRO B 162 3.55 -5.55 18.14
N VAL B 163 3.46 -4.73 19.19
CA VAL B 163 4.49 -3.70 19.37
C VAL B 163 5.89 -4.30 19.39
N GLN B 164 6.03 -5.55 19.84
CA GLN B 164 7.33 -6.20 19.91
C GLN B 164 7.98 -6.34 18.54
N THR B 165 7.18 -6.50 17.48
CA THR B 165 7.74 -6.69 16.14
C THR B 165 8.67 -5.54 15.76
N GLY B 166 8.27 -4.30 16.07
CA GLY B 166 9.10 -3.16 15.72
C GLY B 166 10.45 -3.17 16.44
N LEU B 167 10.44 -3.54 17.71
CA LEU B 167 11.69 -3.65 18.46
C LEU B 167 12.58 -4.77 17.91
N ASP B 168 11.97 -5.85 17.41
CA ASP B 168 12.77 -6.96 16.90
C ASP B 168 13.42 -6.60 15.58
N LEU B 169 12.72 -5.85 14.71
CA LEU B 169 13.32 -5.42 13.46
C LEU B 169 14.47 -4.46 13.71
N LEU B 170 14.27 -3.49 14.60
CA LEU B 170 15.36 -2.57 14.94
C LEU B 170 16.60 -3.34 15.39
N ASP B 171 16.42 -4.35 16.25
CA ASP B 171 17.57 -5.12 16.68
C ASP B 171 18.29 -5.77 15.51
N ILE B 172 17.53 -6.37 14.58
CA ILE B 172 18.13 -6.98 13.40
C ILE B 172 18.86 -5.94 12.56
N LEU B 173 18.26 -4.77 12.38
CA LEU B 173 18.87 -3.77 11.52
C LEU B 173 20.13 -3.18 12.12
N GLN B 174 20.23 -3.17 13.45
CA GLN B 174 21.47 -2.74 14.07
C GLN B 174 22.61 -3.69 13.70
N GLN B 175 22.30 -4.97 13.44
CA GLN B 175 23.31 -5.90 12.97
C GLN B 175 23.68 -5.62 11.51
N VAL B 176 22.67 -5.47 10.64
CA VAL B 176 22.90 -5.22 9.22
C VAL B 176 23.72 -3.96 9.00
N LYS B 177 23.53 -2.95 9.86
CA LYS B 177 24.29 -1.70 9.86
C LYS B 177 25.79 -1.87 9.61
N GLY B 178 26.40 -2.88 10.21
CA GLY B 178 27.84 -3.04 10.12
C GLY B 178 28.27 -4.32 9.45
N GLY B 179 27.38 -4.91 8.65
CA GLY B 179 27.70 -6.13 7.96
C GLY B 179 27.81 -7.35 8.83
N SER B 180 27.50 -7.23 10.13
CA SER B 180 27.37 -8.40 11.00
C SER B 180 26.37 -9.41 10.45
N GLN B 181 25.56 -9.01 9.47
CA GLN B 181 24.69 -9.94 8.74
C GLN B 181 25.44 -11.20 8.32
N GLY B 182 26.74 -11.10 8.09
CA GLY B 182 27.52 -12.26 7.76
C GLY B 182 27.31 -12.72 6.32
N GLU B 183 27.86 -13.88 6.02
CA GLU B 183 27.70 -14.47 4.69
C GLU B 183 26.35 -15.17 4.62
N ALA B 184 25.76 -15.17 3.43
CA ALA B 184 24.49 -15.85 3.25
C ALA B 184 24.66 -17.34 3.52
N VAL B 185 23.63 -17.93 4.12
CA VAL B 185 23.61 -19.37 4.43
C VAL B 185 22.65 -20.13 3.54
N GLY B 186 22.01 -19.46 2.58
CA GLY B 186 21.05 -20.05 1.67
C GLY B 186 20.72 -19.09 0.54
N GLU B 187 20.37 -19.60 -0.65
CA GLU B 187 20.08 -18.78 -1.83
C GLU B 187 18.72 -19.24 -2.36
N LEU B 188 17.65 -18.64 -1.85
CA LEU B 188 16.29 -19.00 -2.25
C LEU B 188 15.90 -18.24 -3.50
N PRO B 189 14.88 -18.71 -4.23
CA PRO B 189 14.56 -18.07 -5.51
C PRO B 189 14.12 -16.63 -5.35
N ARG B 190 13.61 -16.26 -4.18
CA ARG B 190 13.15 -14.91 -3.89
C ARG B 190 14.22 -14.05 -3.21
N GLY B 191 15.32 -14.63 -2.74
CA GLY B 191 16.34 -13.84 -2.07
C GLY B 191 17.30 -14.73 -1.31
N LYS B 192 18.30 -14.07 -0.71
CA LYS B 192 19.31 -14.76 0.09
C LYS B 192 18.91 -14.76 1.56
N LEU B 193 19.33 -15.80 2.27
CA LEU B 193 18.93 -16.03 3.66
C LEU B 193 20.11 -15.83 4.60
N TYR B 194 19.91 -15.02 5.65
CA TYR B 194 20.96 -14.65 6.59
C TYR B 194 20.62 -15.10 8.00
N SER B 195 21.59 -15.70 8.68
CA SER B 195 21.46 -16.08 10.08
C SER B 195 22.19 -15.04 10.90
N LEU B 196 21.45 -14.31 11.73
CA LEU B 196 22.04 -13.27 12.57
C LEU B 196 22.34 -13.74 13.99
N GLY B 197 22.16 -15.02 14.30
CA GLY B 197 22.34 -15.49 15.67
C GLY B 197 21.22 -15.05 16.60
N LYS B 198 21.16 -15.66 17.78
CA LYS B 198 20.08 -15.44 18.75
C LYS B 198 18.70 -15.79 18.15
N GLY B 199 18.66 -16.74 17.22
CA GLY B 199 17.39 -17.14 16.65
C GLY B 199 16.79 -16.10 15.73
N ARG B 200 17.63 -15.24 15.15
CA ARG B 200 17.22 -14.16 14.27
C ARG B 200 17.57 -14.53 12.84
N TRP B 201 16.61 -14.32 11.91
CA TRP B 201 16.75 -14.72 10.52
C TRP B 201 16.17 -13.65 9.61
N MET B 202 16.81 -13.46 8.45
CA MET B 202 16.35 -12.44 7.51
C MET B 202 16.55 -12.94 6.09
N LEU B 203 15.48 -12.85 5.30
CA LEU B 203 15.51 -13.10 3.87
C LEU B 203 15.55 -11.74 3.15
N SER B 204 16.64 -11.46 2.46
CA SER B 204 16.76 -10.22 1.69
C SER B 204 16.21 -10.46 0.30
N LEU B 205 15.08 -9.83 -0.01
CA LEU B 205 14.39 -10.09 -1.26
C LEU B 205 15.21 -9.55 -2.44
N THR B 206 15.29 -10.36 -3.50
CA THR B 206 16.03 -9.95 -4.69
C THR B 206 15.37 -8.75 -5.35
N LYS B 207 14.05 -8.77 -5.42
CA LYS B 207 13.27 -7.64 -5.91
C LYS B 207 12.22 -7.31 -4.86
N LYS B 208 12.10 -6.02 -4.56
CA LYS B 208 11.16 -5.56 -3.55
C LYS B 208 9.75 -6.05 -3.85
N MET B 209 9.03 -6.40 -2.80
CA MET B 209 7.59 -6.63 -2.90
C MET B 209 6.84 -5.30 -2.82
N GLU B 210 5.89 -5.10 -3.71
CA GLU B 210 5.04 -3.93 -3.69
C GLU B 210 3.70 -4.33 -3.08
N VAL B 211 3.23 -3.58 -2.09
CA VAL B 211 1.93 -3.85 -1.49
C VAL B 211 1.06 -2.60 -1.54
N LYS B 212 -0.18 -2.78 -1.97
CA LYS B 212 -1.14 -1.68 -2.06
C LYS B 212 -1.84 -1.51 -0.73
N ALA B 213 -1.92 -0.27 -0.25
CA ALA B 213 -2.42 0.00 1.08
C ALA B 213 -3.13 1.33 1.11
N ILE B 214 -3.93 1.52 2.16
CA ILE B 214 -4.64 2.79 2.38
C ILE B 214 -4.10 3.41 3.66
N PHE B 215 -3.79 4.73 3.64
CA PHE B 215 -3.43 5.37 4.90
C PHE B 215 -4.71 5.75 5.65
N THR B 216 -4.86 5.26 6.87
CA THR B 216 -6.11 5.43 7.63
C THR B 216 -5.82 5.18 9.12
N GLY B 217 -6.87 4.95 9.88
CA GLY B 217 -6.77 4.82 11.32
C GLY B 217 -7.69 3.71 11.75
N TYR B 218 -7.27 3.00 12.78
CA TYR B 218 -8.01 1.89 13.36
C TYR B 218 -8.47 2.28 14.75
N TYR B 219 -9.75 2.05 15.02
CA TYR B 219 -10.34 2.43 16.30
C TYR B 219 -10.63 1.25 17.22
N GLY B 220 -10.16 0.06 16.89
CA GLY B 220 -10.32 -1.06 17.81
C GLY B 220 -11.66 -1.77 17.71
#